data_6YAT
#
_entry.id   6YAT
#
_cell.length_a   111.680
_cell.length_b   111.680
_cell.length_c   171.486
_cell.angle_alpha   90.000
_cell.angle_beta   90.000
_cell.angle_gamma   90.000
#
_symmetry.space_group_name_H-M   'P 41 21 2'
#
loop_
_entity.id
_entity.type
_entity.pdbx_description
1 polymer 'Serine/threonine-protein kinase 4'
2 non-polymer '(2R)-3-(cyclohexylamino)-2-hydroxypropane-1-sulfonic acid'
3 non-polymer GLYCEROL
4 non-polymer 4-[5-(3-chlorophenyl)-7~{H}-pyrrolo[2,3-d]pyrimidin-4-yl]morpholine
5 water water
#
_entity_poly.entity_id   1
_entity_poly.type   'polypeptide(L)'
_entity_poly.pdbx_seq_one_letter_code
;SMETVQLRNPPRRQLKKLDEDSLTKQPEEVFDVLEKLGEGSYGSVYKAIHKETGQIVAIKQVPVESDLQEIIKEISIMQQ
CDSPHVVKYYGSYFKNTDLWIVMEYCGAGSVSDIIRLRNKTLTEDEIATILQSTLKGLEYLHFMRKIHRDIKAGNILLNT
EGHAKLADFGVAGQLTD(TPO)MAKRN(TPO)VIGTPFWMAPEVIQEIGYNCVADIWSLGITAIEMAEGKPPYADIHPMR
AIFMIPTNPPPTFRKPELWSDNFTDFVKQCLVKSPEQRATATQLLQHPFVRSAKGVSILRDLINEAMDVKLKRQESQQRE
EG
;
_entity_poly.pdbx_strand_id   A,B
#
loop_
_chem_comp.id
_chem_comp.type
_chem_comp.name
_chem_comp.formula
3FX non-polymer '(2R)-3-(cyclohexylamino)-2-hydroxypropane-1-sulfonic acid' 'C9 H19 N O4 S'
GOL non-polymer GLYCEROL 'C3 H8 O3'
OJ5 non-polymer 4-[5-(3-chlorophenyl)-7~{H}-pyrrolo[2,3-d]pyrimidin-4-yl]morpholine 'C16 H15 Cl N4 O'
#
# COMPACT_ATOMS: atom_id res chain seq x y z
N ASP A 19 -30.34 -26.60 -25.82
CA ASP A 19 -30.37 -25.94 -27.17
C ASP A 19 -30.08 -24.45 -26.99
N GLU A 20 -31.14 -23.65 -26.73
CA GLU A 20 -31.09 -22.16 -26.71
C GLU A 20 -30.88 -21.66 -25.26
N ASP A 21 -30.78 -22.59 -24.29
CA ASP A 21 -30.65 -22.28 -22.84
C ASP A 21 -29.16 -22.26 -22.45
N SER A 22 -28.28 -22.69 -23.36
CA SER A 22 -26.83 -22.82 -23.15
C SER A 22 -26.11 -21.51 -23.48
N LEU A 23 -26.83 -20.53 -24.06
CA LEU A 23 -26.23 -19.31 -24.68
C LEU A 23 -26.27 -18.14 -23.70
N THR A 24 -27.12 -18.20 -22.68
CA THR A 24 -27.39 -17.08 -21.72
C THR A 24 -26.99 -17.49 -20.29
N LYS A 25 -26.26 -18.60 -20.14
CA LYS A 25 -25.70 -19.07 -18.83
C LYS A 25 -24.89 -17.93 -18.23
N GLN A 26 -25.18 -17.54 -16.98
CA GLN A 26 -24.54 -16.41 -16.28
C GLN A 26 -23.20 -16.85 -15.68
N PRO A 27 -22.25 -15.92 -15.46
CA PRO A 27 -20.87 -16.27 -15.10
C PRO A 27 -20.74 -17.20 -13.87
N GLU A 28 -21.58 -16.99 -12.86
CA GLU A 28 -21.58 -17.77 -11.60
C GLU A 28 -22.14 -19.18 -11.86
N GLU A 29 -22.72 -19.41 -13.07
CA GLU A 29 -23.20 -20.74 -13.54
C GLU A 29 -22.10 -21.43 -14.37
N VAL A 30 -21.24 -20.66 -15.04
CA VAL A 30 -20.14 -21.18 -15.91
C VAL A 30 -18.94 -21.56 -15.02
N PHE A 31 -18.58 -20.70 -14.05
CA PHE A 31 -17.41 -20.86 -13.16
C PHE A 31 -17.88 -21.20 -11.74
N ASP A 32 -17.23 -22.18 -11.13
CA ASP A 32 -17.20 -22.39 -9.66
C ASP A 32 -16.09 -21.51 -9.06
N VAL A 33 -16.47 -20.39 -8.42
CA VAL A 33 -15.53 -19.41 -7.79
C VAL A 33 -15.14 -19.94 -6.41
N LEU A 34 -13.85 -20.05 -6.14
CA LEU A 34 -13.28 -20.52 -4.85
C LEU A 34 -12.60 -19.36 -4.14
N GLU A 35 -11.40 -19.58 -3.57
CA GLU A 35 -10.78 -18.67 -2.57
C GLU A 35 -10.17 -17.45 -3.28
N LYS A 36 -10.22 -16.29 -2.63
CA LYS A 36 -9.40 -15.10 -2.95
C LYS A 36 -7.92 -15.51 -2.96
N LEU A 37 -7.18 -15.10 -3.99
CA LEU A 37 -5.73 -15.39 -4.14
C LEU A 37 -4.93 -14.16 -3.78
N GLY A 38 -5.47 -12.97 -4.05
CA GLY A 38 -4.88 -11.66 -3.65
C GLY A 38 -5.51 -10.49 -4.40
N GLU A 39 -4.89 -9.31 -4.30
CA GLU A 39 -5.33 -8.06 -4.96
C GLU A 39 -4.62 -7.94 -6.31
N GLY A 40 -5.31 -7.37 -7.30
CA GLY A 40 -4.73 -6.97 -8.58
C GLY A 40 -4.89 -5.50 -8.78
N SER A 41 -4.53 -5.01 -9.97
CA SER A 41 -4.52 -3.58 -10.34
C SER A 41 -5.75 -2.85 -9.77
N TYR A 42 -6.96 -3.19 -10.25
CA TYR A 42 -8.21 -2.44 -9.93
C TYR A 42 -9.28 -3.38 -9.35
N GLY A 43 -8.87 -4.47 -8.69
CA GLY A 43 -9.77 -5.36 -7.93
C GLY A 43 -9.11 -6.67 -7.51
N SER A 44 -9.87 -7.54 -6.86
CA SER A 44 -9.40 -8.81 -6.22
C SER A 44 -9.37 -9.94 -7.25
N VAL A 45 -8.57 -10.97 -6.98
CA VAL A 45 -8.34 -12.13 -7.88
C VAL A 45 -8.69 -13.43 -7.14
N TYR A 46 -9.46 -14.31 -7.76
CA TYR A 46 -10.01 -15.55 -7.16
C TYR A 46 -9.64 -16.74 -8.03
N LYS A 47 -9.34 -17.87 -7.39
CA LYS A 47 -9.30 -19.20 -8.04
C LYS A 47 -10.72 -19.53 -8.52
N ALA A 48 -10.83 -20.29 -9.61
CA ALA A 48 -12.13 -20.71 -10.20
C ALA A 48 -11.94 -21.95 -11.06
N ILE A 49 -13.01 -22.74 -11.20
CA ILE A 49 -13.07 -23.92 -12.11
C ILE A 49 -14.13 -23.65 -13.18
N HIS A 50 -13.76 -23.78 -14.45
CA HIS A 50 -14.71 -23.93 -15.59
C HIS A 50 -15.49 -25.23 -15.42
N LYS A 51 -16.73 -25.18 -14.91
CA LYS A 51 -17.55 -26.36 -14.51
C LYS A 51 -17.55 -27.38 -15.65
N GLU A 52 -17.53 -26.91 -16.90
CA GLU A 52 -17.70 -27.72 -18.13
C GLU A 52 -16.45 -28.57 -18.37
N THR A 53 -15.27 -27.94 -18.41
CA THR A 53 -13.99 -28.55 -18.88
C THR A 53 -13.13 -29.00 -17.68
N GLY A 54 -13.48 -28.56 -16.48
CA GLY A 54 -12.73 -28.82 -15.24
C GLY A 54 -11.48 -27.96 -15.14
N GLN A 55 -11.16 -27.23 -16.21
CA GLN A 55 -10.00 -26.30 -16.29
C GLN A 55 -10.03 -25.35 -15.09
N ILE A 56 -8.88 -25.08 -14.50
CA ILE A 56 -8.71 -24.12 -13.37
C ILE A 56 -8.16 -22.81 -13.93
N VAL A 57 -8.62 -21.69 -13.37
CA VAL A 57 -8.33 -20.33 -13.88
C VAL A 57 -8.25 -19.37 -12.69
N ALA A 58 -7.68 -18.19 -12.91
CA ALA A 58 -7.78 -17.03 -12.01
C ALA A 58 -8.68 -15.98 -12.65
N ILE A 59 -9.50 -15.31 -11.84
CA ILE A 59 -10.46 -14.27 -12.27
C ILE A 59 -10.24 -13.04 -11.40
N LYS A 60 -9.83 -11.93 -12.00
CA LYS A 60 -9.87 -10.58 -11.40
C LYS A 60 -11.27 -9.98 -11.58
N GLN A 61 -11.92 -9.62 -10.46
CA GLN A 61 -13.26 -8.99 -10.45
C GLN A 61 -13.08 -7.50 -10.28
N VAL A 62 -13.57 -6.73 -11.26
CA VAL A 62 -13.35 -5.27 -11.42
C VAL A 62 -14.72 -4.59 -11.42
N PRO A 63 -15.01 -3.71 -10.44
CA PRO A 63 -16.26 -2.96 -10.44
C PRO A 63 -16.29 -1.92 -11.57
N VAL A 64 -17.48 -1.40 -11.90
CA VAL A 64 -17.73 -0.55 -13.09
C VAL A 64 -17.13 0.84 -12.85
N GLU A 65 -16.91 1.21 -11.58
CA GLU A 65 -16.49 2.57 -11.15
C GLU A 65 -14.96 2.68 -11.25
N SER A 66 -14.29 1.60 -11.64
CA SER A 66 -12.84 1.57 -11.96
C SER A 66 -12.58 2.40 -13.22
N ASP A 67 -11.32 2.74 -13.49
CA ASP A 67 -10.89 3.35 -14.77
C ASP A 67 -10.83 2.25 -15.82
N LEU A 68 -11.91 2.08 -16.57
CA LEU A 68 -12.12 0.94 -17.48
C LEU A 68 -11.20 1.07 -18.70
N GLN A 69 -10.81 2.32 -19.05
CA GLN A 69 -9.74 2.59 -20.05
C GLN A 69 -8.54 1.73 -19.71
N GLU A 70 -8.03 1.87 -18.48
CA GLU A 70 -6.77 1.25 -17.99
C GLU A 70 -6.92 -0.28 -18.00
N ILE A 71 -8.11 -0.78 -17.66
CA ILE A 71 -8.41 -2.24 -17.60
C ILE A 71 -8.36 -2.82 -19.02
N ILE A 72 -8.94 -2.11 -20.01
CA ILE A 72 -8.92 -2.53 -21.43
C ILE A 72 -7.47 -2.56 -21.88
N LYS A 73 -6.68 -1.54 -21.49
CA LYS A 73 -5.20 -1.48 -21.76
C LYS A 73 -4.55 -2.76 -21.25
N GLU A 74 -4.79 -3.10 -19.97
CA GLU A 74 -4.21 -4.31 -19.34
C GLU A 74 -4.57 -5.53 -20.17
N ILE A 75 -5.86 -5.70 -20.51
CA ILE A 75 -6.40 -6.88 -21.25
C ILE A 75 -5.71 -6.91 -22.62
N SER A 76 -5.68 -5.78 -23.29
CA SER A 76 -5.05 -5.57 -24.61
C SER A 76 -3.56 -6.03 -24.55
N ILE A 77 -2.79 -5.51 -23.59
CA ILE A 77 -1.33 -5.86 -23.43
C ILE A 77 -1.21 -7.37 -23.23
N MET A 78 -2.10 -7.97 -22.44
CA MET A 78 -2.09 -9.44 -22.15
C MET A 78 -2.39 -10.23 -23.43
N GLN A 79 -3.34 -9.74 -24.25
CA GLN A 79 -3.81 -10.41 -25.50
C GLN A 79 -2.69 -10.42 -26.54
N GLN A 80 -2.01 -9.28 -26.72
CA GLN A 80 -0.86 -9.09 -27.66
C GLN A 80 0.29 -10.04 -27.31
N CYS A 81 0.52 -10.30 -26.00
CA CYS A 81 1.64 -11.17 -25.49
C CYS A 81 1.31 -12.64 -25.70
N ASP A 82 2.23 -13.38 -26.28
CA ASP A 82 2.20 -14.85 -26.42
C ASP A 82 3.57 -15.40 -26.01
N SER A 83 3.74 -15.70 -24.73
CA SER A 83 5.02 -16.11 -24.10
C SER A 83 4.74 -17.01 -22.92
N PRO A 84 5.51 -18.11 -22.77
CA PRO A 84 5.33 -19.01 -21.64
C PRO A 84 5.76 -18.35 -20.32
N HIS A 85 6.35 -17.14 -20.41
CA HIS A 85 6.90 -16.36 -19.27
C HIS A 85 5.94 -15.22 -18.86
N VAL A 86 4.77 -15.13 -19.53
CA VAL A 86 3.72 -14.08 -19.27
C VAL A 86 2.36 -14.76 -19.12
N VAL A 87 1.61 -14.40 -18.08
CA VAL A 87 0.26 -14.99 -17.80
C VAL A 87 -0.63 -14.72 -19.00
N LYS A 88 -1.27 -15.75 -19.53
CA LYS A 88 -2.17 -15.69 -20.69
C LYS A 88 -3.53 -15.10 -20.26
N TYR A 89 -4.22 -14.42 -21.20
CA TYR A 89 -5.64 -14.00 -21.07
C TYR A 89 -6.53 -15.02 -21.76
N TYR A 90 -7.61 -15.44 -21.10
CA TYR A 90 -8.55 -16.49 -21.58
C TYR A 90 -9.86 -15.85 -22.08
N GLY A 91 -10.29 -14.74 -21.45
CA GLY A 91 -11.48 -13.96 -21.88
C GLY A 91 -12.09 -13.17 -20.75
N SER A 92 -13.22 -12.51 -21.02
CA SER A 92 -13.94 -11.60 -20.09
C SER A 92 -15.43 -11.97 -20.02
N TYR A 93 -16.06 -11.75 -18.87
CA TYR A 93 -17.51 -11.95 -18.63
C TYR A 93 -18.03 -10.76 -17.82
N PHE A 94 -19.26 -10.37 -18.06
CA PHE A 94 -19.98 -9.36 -17.25
C PHE A 94 -20.94 -10.07 -16.31
N LYS A 95 -20.90 -9.63 -15.05
CA LYS A 95 -21.63 -10.24 -13.92
C LYS A 95 -22.29 -9.12 -13.15
N ASN A 96 -23.54 -8.79 -13.50
CA ASN A 96 -24.17 -7.47 -13.20
C ASN A 96 -23.38 -6.38 -13.97
N THR A 97 -22.72 -5.47 -13.24
CA THR A 97 -21.89 -4.36 -13.78
C THR A 97 -20.41 -4.68 -13.61
N ASP A 98 -20.10 -5.82 -12.99
CA ASP A 98 -18.72 -6.27 -12.65
C ASP A 98 -18.09 -6.92 -13.89
N LEU A 99 -16.87 -6.51 -14.22
CA LEU A 99 -16.04 -7.14 -15.27
C LEU A 99 -15.20 -8.26 -14.66
N TRP A 100 -15.37 -9.49 -15.16
CA TRP A 100 -14.54 -10.68 -14.80
C TRP A 100 -13.49 -10.89 -15.88
N ILE A 101 -12.22 -10.72 -15.52
CA ILE A 101 -11.04 -10.97 -16.41
C ILE A 101 -10.48 -12.34 -16.05
N VAL A 102 -10.47 -13.27 -16.99
CA VAL A 102 -10.15 -14.71 -16.76
C VAL A 102 -8.74 -14.99 -17.31
N MET A 103 -7.86 -15.52 -16.47
CA MET A 103 -6.39 -15.62 -16.73
C MET A 103 -5.87 -17.01 -16.40
N GLU A 104 -4.67 -17.31 -16.91
CA GLU A 104 -3.81 -18.44 -16.50
C GLU A 104 -3.68 -18.45 -14.96
N TYR A 105 -3.94 -19.62 -14.35
CA TYR A 105 -3.73 -19.90 -12.91
C TYR A 105 -2.35 -20.51 -12.71
N CYS A 106 -1.55 -19.91 -11.83
CA CYS A 106 -0.19 -20.41 -11.43
C CYS A 106 -0.25 -20.89 -9.96
N GLY A 107 -0.18 -22.22 -9.77
CA GLY A 107 -0.67 -22.92 -8.56
C GLY A 107 0.22 -22.75 -7.32
N ALA A 108 1.38 -22.12 -7.45
CA ALA A 108 2.32 -21.88 -6.31
C ALA A 108 2.14 -20.45 -5.79
N GLY A 109 1.48 -19.59 -6.56
CA GLY A 109 1.23 -18.19 -6.19
C GLY A 109 2.43 -17.32 -6.51
N SER A 110 2.46 -16.12 -5.94
CA SER A 110 3.55 -15.14 -6.11
C SER A 110 4.76 -15.55 -5.24
N VAL A 111 5.94 -15.07 -5.59
CA VAL A 111 7.19 -15.28 -4.84
C VAL A 111 7.05 -14.60 -3.46
N SER A 112 6.38 -13.45 -3.43
CA SER A 112 6.02 -12.71 -2.19
C SER A 112 5.28 -13.65 -1.23
N ASP A 113 4.24 -14.34 -1.73
CA ASP A 113 3.40 -15.28 -0.94
C ASP A 113 4.25 -16.44 -0.43
N ILE A 114 5.20 -16.92 -1.23
CA ILE A 114 5.97 -18.15 -0.98
C ILE A 114 6.99 -17.86 0.13
N ILE A 115 7.56 -16.66 0.13
CA ILE A 115 8.46 -16.15 1.19
C ILE A 115 7.66 -16.01 2.50
N ARG A 116 6.45 -15.42 2.43
CA ARG A 116 5.55 -15.21 3.60
C ARG A 116 5.14 -16.58 4.17
N LEU A 117 4.57 -17.47 3.34
CA LEU A 117 4.02 -18.80 3.77
C LEU A 117 5.08 -19.59 4.56
N ARG A 118 6.33 -19.59 4.07
CA ARG A 118 7.44 -20.44 4.59
C ARG A 118 8.21 -19.67 5.66
N ASN A 119 8.01 -18.36 5.73
CA ASN A 119 8.76 -17.44 6.63
C ASN A 119 10.26 -17.63 6.37
N LYS A 120 10.64 -17.77 5.10
CA LYS A 120 12.04 -17.96 4.64
C LYS A 120 12.26 -17.12 3.37
N THR A 121 13.42 -16.47 3.28
CA THR A 121 13.95 -15.88 2.03
C THR A 121 14.46 -17.00 1.13
N LEU A 122 14.86 -16.67 -0.10
CA LEU A 122 15.23 -17.65 -1.14
C LEU A 122 16.75 -17.81 -1.19
N THR A 123 17.21 -18.99 -1.58
CA THR A 123 18.64 -19.33 -1.79
C THR A 123 19.11 -18.67 -3.09
N GLU A 124 20.40 -18.35 -3.19
CA GLU A 124 21.03 -17.83 -4.42
C GLU A 124 20.57 -18.68 -5.62
N ASP A 125 20.45 -20.00 -5.45
CA ASP A 125 20.17 -20.98 -6.54
C ASP A 125 18.72 -20.77 -7.05
N GLU A 126 17.79 -20.60 -6.10
CA GLU A 126 16.35 -20.43 -6.36
C GLU A 126 16.12 -19.08 -7.04
N ILE A 127 16.83 -18.04 -6.58
CA ILE A 127 16.76 -16.65 -7.12
C ILE A 127 17.29 -16.67 -8.56
N ALA A 128 18.44 -17.26 -8.78
CA ALA A 128 19.09 -17.39 -10.10
C ALA A 128 18.07 -17.93 -11.11
N THR A 129 17.41 -19.03 -10.78
CA THR A 129 16.55 -19.79 -11.71
C THR A 129 15.29 -18.97 -12.00
N ILE A 130 14.70 -18.38 -10.98
CA ILE A 130 13.47 -17.56 -11.07
C ILE A 130 13.75 -16.29 -11.88
N LEU A 131 14.89 -15.63 -11.65
CA LEU A 131 15.25 -14.36 -12.36
C LEU A 131 15.56 -14.64 -13.84
N GLN A 132 16.14 -15.81 -14.15
CA GLN A 132 16.38 -16.24 -15.55
C GLN A 132 15.03 -16.28 -16.31
N SER A 133 14.01 -16.92 -15.74
CA SER A 133 12.66 -17.01 -16.36
C SER A 133 12.05 -15.62 -16.43
N THR A 134 12.18 -14.84 -15.36
CA THR A 134 11.72 -13.45 -15.24
C THR A 134 12.38 -12.60 -16.35
N LEU A 135 13.68 -12.79 -16.60
CA LEU A 135 14.43 -11.99 -17.61
C LEU A 135 13.95 -12.35 -19.02
N LYS A 136 13.57 -13.60 -19.24
CA LYS A 136 13.06 -14.06 -20.56
C LYS A 136 11.69 -13.41 -20.83
N GLY A 137 10.89 -13.28 -19.79
CA GLY A 137 9.65 -12.50 -19.81
C GLY A 137 9.90 -11.06 -20.16
N LEU A 138 10.84 -10.42 -19.47
CA LEU A 138 11.20 -9.00 -19.69
C LEU A 138 11.75 -8.82 -21.12
N GLU A 139 12.56 -9.75 -21.60
CA GLU A 139 13.18 -9.67 -22.94
C GLU A 139 12.08 -9.69 -24.01
N TYR A 140 11.07 -10.54 -23.81
CA TYR A 140 9.89 -10.63 -24.70
C TYR A 140 9.11 -9.32 -24.65
N LEU A 141 8.77 -8.83 -23.45
CA LEU A 141 7.99 -7.58 -23.25
C LEU A 141 8.70 -6.42 -23.93
N HIS A 142 10.01 -6.27 -23.68
CA HIS A 142 10.80 -5.11 -24.11
C HIS A 142 10.91 -5.10 -25.62
N PHE A 143 11.04 -6.26 -26.24
CA PHE A 143 11.05 -6.42 -27.70
C PHE A 143 9.72 -5.94 -28.27
N MET A 144 8.63 -6.20 -27.53
CA MET A 144 7.24 -5.85 -27.93
C MET A 144 6.92 -4.43 -27.46
N ARG A 145 7.94 -3.65 -27.07
CA ARG A 145 7.82 -2.22 -26.72
C ARG A 145 6.86 -2.03 -25.53
N LYS A 146 6.82 -3.00 -24.62
CA LYS A 146 6.01 -2.94 -23.38
C LYS A 146 6.92 -2.71 -22.17
N ILE A 147 6.57 -1.76 -21.32
CA ILE A 147 7.16 -1.57 -19.97
C ILE A 147 6.15 -2.08 -18.93
N HIS A 148 6.58 -2.98 -18.05
CA HIS A 148 5.71 -3.56 -17.01
C HIS A 148 5.41 -2.51 -15.94
N ARG A 149 6.47 -1.93 -15.37
CA ARG A 149 6.48 -0.74 -14.48
C ARG A 149 6.15 -1.13 -13.03
N ASP A 150 5.83 -2.41 -12.78
CA ASP A 150 5.51 -2.91 -11.42
C ASP A 150 6.22 -4.25 -11.16
N ILE A 151 7.49 -4.36 -11.53
CA ILE A 151 8.31 -5.58 -11.29
C ILE A 151 8.64 -5.65 -9.82
N LYS A 152 8.13 -6.68 -9.15
CA LYS A 152 8.47 -7.05 -7.75
C LYS A 152 8.04 -8.49 -7.51
N ALA A 153 8.41 -9.06 -6.38
CA ALA A 153 8.13 -10.47 -6.02
C ALA A 153 6.63 -10.71 -6.03
N GLY A 154 5.84 -9.70 -5.65
CA GLY A 154 4.37 -9.73 -5.69
C GLY A 154 3.83 -10.10 -7.07
N ASN A 155 4.55 -9.71 -8.14
CA ASN A 155 4.05 -9.76 -9.54
C ASN A 155 4.84 -10.79 -10.36
N ILE A 156 5.54 -11.70 -9.68
CA ILE A 156 6.17 -12.88 -10.32
C ILE A 156 5.54 -14.14 -9.73
N LEU A 157 4.93 -14.97 -10.58
CA LEU A 157 4.12 -16.14 -10.20
C LEU A 157 4.88 -17.41 -10.57
N LEU A 158 4.67 -18.48 -9.82
CA LEU A 158 5.16 -19.84 -10.15
C LEU A 158 3.96 -20.76 -10.32
N ASN A 159 3.89 -21.50 -11.42
CA ASN A 159 2.98 -22.66 -11.58
C ASN A 159 3.60 -23.86 -10.84
N THR A 160 2.83 -24.93 -10.65
CA THR A 160 3.17 -26.12 -9.85
C THR A 160 4.48 -26.71 -10.34
N GLU A 161 4.78 -26.59 -11.65
CA GLU A 161 6.00 -27.15 -12.30
C GLU A 161 7.22 -26.28 -11.98
N GLY A 162 7.03 -25.08 -11.45
CA GLY A 162 8.11 -24.16 -11.04
C GLY A 162 8.45 -23.12 -12.12
N HIS A 163 7.61 -23.00 -13.15
CA HIS A 163 7.78 -22.00 -14.26
C HIS A 163 7.24 -20.65 -13.82
N ALA A 164 8.06 -19.61 -13.91
CA ALA A 164 7.77 -18.24 -13.47
C ALA A 164 7.09 -17.48 -14.63
N LYS A 165 6.12 -16.64 -14.29
CA LYS A 165 5.36 -15.82 -15.26
C LYS A 165 5.14 -14.44 -14.66
N LEU A 166 5.36 -13.39 -15.47
CA LEU A 166 5.07 -11.99 -15.11
C LEU A 166 3.56 -11.80 -15.08
N ALA A 167 3.05 -11.22 -14.00
CA ALA A 167 1.61 -10.94 -13.78
C ALA A 167 1.42 -9.46 -13.51
N ASP A 168 0.18 -8.98 -13.67
CA ASP A 168 -0.29 -7.64 -13.24
C ASP A 168 0.17 -6.58 -14.27
N PHE A 169 -0.53 -6.46 -15.38
CA PHE A 169 -0.25 -5.44 -16.43
C PHE A 169 -1.16 -4.22 -16.24
N GLY A 170 -1.60 -3.99 -15.00
CA GLY A 170 -2.52 -2.90 -14.63
C GLY A 170 -1.95 -1.52 -14.92
N VAL A 171 -0.64 -1.35 -14.76
CA VAL A 171 0.06 -0.03 -14.83
C VAL A 171 1.09 -0.07 -15.97
N ALA A 172 0.99 -1.06 -16.86
CA ALA A 172 1.97 -1.30 -17.95
C ALA A 172 1.86 -0.17 -18.98
N GLY A 173 2.96 0.14 -19.66
CA GLY A 173 3.08 1.22 -20.65
C GLY A 173 3.51 0.68 -22.01
N GLN A 174 3.05 1.33 -23.09
CA GLN A 174 3.30 0.92 -24.50
C GLN A 174 4.15 2.00 -25.17
N LEU A 175 5.25 1.60 -25.79
CA LEU A 175 6.04 2.48 -26.69
C LEU A 175 5.55 2.26 -28.12
N THR A 176 5.56 3.33 -28.92
CA THR A 176 5.09 3.35 -30.34
C THR A 176 6.09 4.16 -31.18
N ASP A 177 5.87 4.21 -32.49
CA ASP A 177 6.73 4.94 -33.47
C ASP A 177 6.83 6.41 -33.06
N TPO A 178 5.75 6.95 -32.50
CA TPO A 178 5.64 8.36 -32.20
CB TPO A 178 4.25 8.88 -32.58
CG2 TPO A 178 4.16 9.34 -34.02
OG1 TPO A 178 3.28 7.78 -32.41
P TPO A 178 1.88 7.96 -31.62
O1P TPO A 178 0.94 8.58 -32.64
O2P TPO A 178 1.45 6.57 -31.18
O3P TPO A 178 2.17 8.89 -30.44
C TPO A 178 5.95 8.63 -30.71
O TPO A 178 6.07 9.79 -30.31
N MET A 179 6.04 7.55 -29.90
CA MET A 179 6.28 7.67 -28.46
C MET A 179 7.40 6.69 -28.06
N ALA A 180 8.66 7.15 -28.11
CA ALA A 180 9.86 6.34 -27.81
C ALA A 180 10.08 6.27 -26.30
N LYS A 181 9.37 7.11 -25.55
CA LYS A 181 9.48 7.22 -24.05
C LYS A 181 8.11 7.45 -23.43
N ARG A 182 7.90 6.98 -22.20
CA ARG A 182 6.79 7.38 -21.31
C ARG A 182 7.33 8.39 -20.28
N ASN A 183 6.45 9.15 -19.63
CA ASN A 183 6.83 10.07 -18.53
C ASN A 183 5.85 9.97 -17.36
N TPO A 184 4.90 9.02 -17.43
CA TPO A 184 3.98 8.79 -16.32
CB TPO A 184 2.88 7.79 -16.70
CG2 TPO A 184 1.78 7.72 -15.66
OG1 TPO A 184 2.28 8.21 -17.95
P TPO A 184 1.87 7.12 -19.05
O1P TPO A 184 1.20 7.90 -20.15
O2P TPO A 184 0.92 6.15 -18.34
O3P TPO A 184 3.16 6.50 -19.48
C TPO A 184 4.75 8.26 -15.10
O TPO A 184 5.38 7.19 -15.17
N VAL A 185 4.68 9.02 -14.00
CA VAL A 185 5.28 8.61 -12.74
C VAL A 185 4.34 7.56 -12.11
N ILE A 186 4.74 6.30 -12.15
CA ILE A 186 3.89 5.16 -11.71
C ILE A 186 4.79 3.94 -11.42
N GLY A 187 4.27 2.98 -10.64
CA GLY A 187 5.02 1.87 -10.04
C GLY A 187 4.67 1.70 -8.57
N THR A 188 5.47 0.91 -7.86
CA THR A 188 5.50 0.82 -6.39
C THR A 188 6.80 1.43 -5.90
N PRO A 189 6.74 2.53 -5.10
CA PRO A 189 7.90 3.41 -4.86
C PRO A 189 9.26 2.70 -4.71
N PHE A 190 9.37 1.74 -3.78
CA PHE A 190 10.65 1.10 -3.37
C PHE A 190 11.35 0.51 -4.61
N TRP A 191 10.54 0.09 -5.60
CA TRP A 191 10.98 -0.70 -6.78
C TRP A 191 11.21 0.22 -7.99
N MET A 192 10.80 1.49 -7.91
CA MET A 192 10.71 2.41 -9.06
C MET A 192 12.11 2.95 -9.40
N ALA A 193 12.44 3.01 -10.69
CA ALA A 193 13.73 3.50 -11.22
C ALA A 193 13.80 5.02 -11.06
N PRO A 194 15.00 5.58 -10.84
CA PRO A 194 15.14 7.02 -10.65
C PRO A 194 14.51 7.83 -11.79
N GLU A 195 14.74 7.42 -13.04
CA GLU A 195 14.32 8.18 -14.25
C GLU A 195 12.78 8.17 -14.33
N VAL A 196 12.13 7.15 -13.76
CA VAL A 196 10.64 7.06 -13.69
C VAL A 196 10.14 8.15 -12.74
N ILE A 197 10.87 8.38 -11.66
CA ILE A 197 10.49 9.29 -10.54
C ILE A 197 10.76 10.74 -10.98
N GLN A 198 11.91 10.98 -11.60
CA GLN A 198 12.27 12.27 -12.23
C GLN A 198 11.33 12.50 -13.42
N GLU A 199 11.24 13.73 -13.89
CA GLU A 199 10.21 14.18 -14.87
C GLU A 199 10.61 13.72 -16.27
N ILE A 200 11.92 13.54 -16.50
CA ILE A 200 12.50 13.07 -17.78
C ILE A 200 11.81 11.78 -18.18
N GLY A 201 11.75 11.50 -19.49
CA GLY A 201 11.12 10.29 -20.03
C GLY A 201 11.98 9.06 -19.80
N TYR A 202 11.40 7.89 -19.90
CA TYR A 202 12.06 6.60 -19.63
C TYR A 202 11.55 5.56 -20.62
N ASN A 203 12.22 4.41 -20.67
CA ASN A 203 11.87 3.29 -21.56
C ASN A 203 12.01 1.99 -20.77
N CYS A 204 12.22 0.89 -21.47
CA CYS A 204 12.04 -0.49 -20.99
C CYS A 204 12.98 -0.78 -19.81
N VAL A 205 14.17 -0.16 -19.78
CA VAL A 205 15.26 -0.56 -18.84
C VAL A 205 14.90 -0.11 -17.42
N ALA A 206 13.83 0.66 -17.26
CA ALA A 206 13.22 0.93 -15.93
C ALA A 206 12.91 -0.40 -15.25
N ASP A 207 12.44 -1.39 -16.01
CA ASP A 207 12.05 -2.71 -15.48
C ASP A 207 13.29 -3.44 -14.90
N ILE A 208 14.48 -3.16 -15.44
CA ILE A 208 15.76 -3.82 -15.03
C ILE A 208 16.16 -3.33 -13.64
N TRP A 209 16.03 -2.02 -13.39
CA TRP A 209 16.22 -1.43 -12.06
C TRP A 209 15.30 -2.13 -11.04
N SER A 210 14.01 -2.24 -11.37
CA SER A 210 13.00 -2.90 -10.53
C SER A 210 13.39 -4.36 -10.27
N LEU A 211 13.94 -5.03 -11.27
CA LEU A 211 14.44 -6.43 -11.16
C LEU A 211 15.57 -6.49 -10.12
N GLY A 212 16.49 -5.53 -10.15
CA GLY A 212 17.57 -5.37 -9.17
C GLY A 212 17.03 -5.34 -7.75
N ILE A 213 16.07 -4.45 -7.49
CA ILE A 213 15.42 -4.30 -6.17
C ILE A 213 14.78 -5.64 -5.80
N THR A 214 14.18 -6.33 -6.77
CA THR A 214 13.43 -7.60 -6.56
C THR A 214 14.41 -8.71 -6.16
N ALA A 215 15.59 -8.72 -6.76
CA ALA A 215 16.68 -9.64 -6.43
C ALA A 215 17.02 -9.48 -4.93
N ILE A 216 17.14 -8.23 -4.48
CA ILE A 216 17.43 -7.91 -3.05
C ILE A 216 16.24 -8.36 -2.20
N GLU A 217 15.03 -8.13 -2.67
CA GLU A 217 13.76 -8.44 -1.96
C GLU A 217 13.68 -9.95 -1.68
N MET A 218 14.02 -10.78 -2.66
CA MET A 218 13.96 -12.27 -2.55
C MET A 218 15.08 -12.76 -1.61
N ALA A 219 16.22 -12.07 -1.59
CA ALA A 219 17.40 -12.44 -0.78
C ALA A 219 17.17 -12.10 0.70
N GLU A 220 16.58 -10.92 0.95
CA GLU A 220 16.56 -10.27 2.30
C GLU A 220 15.13 -10.23 2.86
N GLY A 221 14.13 -10.37 2.00
CA GLY A 221 12.71 -10.48 2.40
C GLY A 221 11.94 -9.18 2.19
N LYS A 222 12.66 -8.08 1.99
CA LYS A 222 12.11 -6.72 1.74
C LYS A 222 13.07 -5.95 0.86
N PRO A 223 12.58 -4.94 0.09
CA PRO A 223 13.44 -4.02 -0.63
C PRO A 223 14.26 -3.16 0.31
N PRO A 224 15.31 -2.46 -0.18
CA PRO A 224 15.93 -1.38 0.59
C PRO A 224 14.93 -0.25 0.88
N TYR A 225 15.11 0.45 2.01
CA TYR A 225 14.27 1.57 2.52
C TYR A 225 12.88 1.05 2.94
N ALA A 226 12.71 -0.26 3.07
CA ALA A 226 11.39 -0.93 3.24
C ALA A 226 10.70 -0.42 4.52
N ASP A 227 11.48 0.01 5.51
CA ASP A 227 10.98 0.40 6.86
C ASP A 227 10.73 1.93 6.89
N ILE A 228 11.37 2.66 5.96
CA ILE A 228 11.15 4.12 5.69
C ILE A 228 9.77 4.31 5.05
N HIS A 229 9.22 5.53 5.09
CA HIS A 229 7.95 5.90 4.42
C HIS A 229 8.15 5.84 2.89
N PRO A 230 7.18 5.31 2.14
CA PRO A 230 7.31 5.20 0.67
C PRO A 230 7.60 6.55 -0.01
N MET A 231 6.93 7.62 0.43
CA MET A 231 6.98 8.98 -0.21
C MET A 231 8.29 9.68 0.17
N ARG A 232 8.97 9.24 1.21
CA ARG A 232 10.33 9.72 1.57
C ARG A 232 11.36 8.96 0.72
N ALA A 233 11.12 7.69 0.44
CA ALA A 233 11.98 6.83 -0.39
C ALA A 233 12.04 7.37 -1.83
N ILE A 234 10.86 7.66 -2.42
CA ILE A 234 10.73 8.11 -3.84
C ILE A 234 11.61 9.34 -4.07
N PHE A 235 11.74 10.20 -3.06
CA PHE A 235 12.49 11.48 -3.14
C PHE A 235 14.00 11.21 -2.99
N MET A 236 14.37 10.05 -2.42
CA MET A 236 15.77 9.69 -2.08
C MET A 236 16.41 8.89 -3.22
N ILE A 237 15.63 8.02 -3.87
CA ILE A 237 16.14 7.04 -4.88
C ILE A 237 16.95 7.78 -5.94
N PRO A 238 16.41 8.90 -6.51
CA PRO A 238 17.13 9.66 -7.56
C PRO A 238 18.48 10.21 -7.08
N THR A 239 18.57 10.62 -5.82
CA THR A 239 19.75 11.33 -5.24
C THR A 239 20.72 10.29 -4.65
N ASN A 240 20.21 9.23 -4.05
CA ASN A 240 21.00 8.21 -3.30
C ASN A 240 21.91 7.44 -4.27
N PRO A 241 23.07 6.92 -3.80
CA PRO A 241 23.81 5.93 -4.58
C PRO A 241 22.99 4.67 -4.77
N PRO A 242 23.36 3.80 -5.71
CA PRO A 242 22.63 2.55 -5.93
C PRO A 242 22.61 1.72 -4.66
N PRO A 243 21.41 1.26 -4.21
CA PRO A 243 21.34 0.41 -3.04
C PRO A 243 22.14 -0.88 -3.23
N THR A 244 22.46 -1.55 -2.15
CA THR A 244 23.13 -2.86 -2.14
C THR A 244 22.51 -3.73 -1.03
N PHE A 245 23.04 -4.93 -0.86
CA PHE A 245 22.66 -5.90 0.20
C PHE A 245 22.91 -5.28 1.57
N ARG A 246 22.06 -5.57 2.54
CA ARG A 246 22.19 -5.13 3.95
C ARG A 246 23.44 -5.75 4.60
N LYS A 247 23.86 -6.93 4.12
CA LYS A 247 25.07 -7.66 4.60
C LYS A 247 25.82 -8.25 3.41
N PRO A 248 26.63 -7.44 2.70
CA PRO A 248 27.24 -7.87 1.44
C PRO A 248 28.08 -9.15 1.50
N GLU A 249 28.63 -9.45 2.68
CA GLU A 249 29.61 -10.56 2.90
C GLU A 249 28.88 -11.92 2.88
N LEU A 250 27.55 -11.91 2.98
CA LEU A 250 26.68 -13.14 2.99
C LEU A 250 26.57 -13.75 1.59
N TRP A 251 26.85 -12.99 0.54
CA TRP A 251 26.41 -13.30 -0.86
C TRP A 251 27.63 -13.46 -1.77
N SER A 252 27.51 -14.32 -2.79
CA SER A 252 28.54 -14.57 -3.83
C SER A 252 28.85 -13.27 -4.57
N ASP A 253 30.00 -13.23 -5.24
CA ASP A 253 30.45 -12.09 -6.08
C ASP A 253 29.53 -11.96 -7.29
N ASN A 254 29.06 -13.09 -7.82
CA ASN A 254 28.22 -13.15 -9.05
C ASN A 254 26.87 -12.47 -8.76
N PHE A 255 26.27 -12.77 -7.61
CA PHE A 255 24.95 -12.23 -7.17
C PHE A 255 25.09 -10.73 -6.88
N THR A 256 26.16 -10.36 -6.18
CA THR A 256 26.51 -8.96 -5.85
C THR A 256 26.68 -8.16 -7.13
N ASP A 257 27.35 -8.73 -8.14
CA ASP A 257 27.63 -8.05 -9.43
C ASP A 257 26.34 -7.97 -10.27
N PHE A 258 25.51 -9.01 -10.23
CA PHE A 258 24.21 -9.05 -10.95
C PHE A 258 23.39 -7.84 -10.51
N VAL A 259 23.23 -7.68 -9.21
CA VAL A 259 22.44 -6.58 -8.57
C VAL A 259 23.05 -5.23 -8.97
N LYS A 260 24.37 -5.12 -8.96
CA LYS A 260 25.12 -3.89 -9.31
C LYS A 260 24.85 -3.51 -10.77
N GLN A 261 24.76 -4.50 -11.67
CA GLN A 261 24.54 -4.28 -13.13
C GLN A 261 23.08 -3.82 -13.37
N CYS A 262 22.12 -4.34 -12.59
CA CYS A 262 20.69 -3.93 -12.62
C CYS A 262 20.55 -2.49 -12.15
N LEU A 263 21.20 -2.14 -11.03
CA LEU A 263 20.99 -0.88 -10.29
C LEU A 263 22.03 0.16 -10.75
N VAL A 264 22.17 0.35 -12.06
CA VAL A 264 22.91 1.48 -12.65
C VAL A 264 21.94 2.66 -12.84
N LYS A 265 22.33 3.84 -12.38
CA LYS A 265 21.43 5.03 -12.23
C LYS A 265 21.11 5.57 -13.62
N SER A 266 22.13 5.73 -14.46
CA SER A 266 22.03 6.15 -15.88
C SER A 266 21.25 5.10 -16.66
N PRO A 267 20.01 5.40 -17.13
CA PRO A 267 19.23 4.44 -17.89
C PRO A 267 19.86 4.12 -19.25
N GLU A 268 20.64 5.05 -19.80
CA GLU A 268 21.37 4.88 -21.08
C GLU A 268 22.45 3.80 -20.93
N GLN A 269 23.10 3.74 -19.76
CA GLN A 269 24.23 2.82 -19.47
C GLN A 269 23.69 1.45 -19.02
N ARG A 270 22.49 1.42 -18.44
CA ARG A 270 21.94 0.21 -17.77
C ARG A 270 21.83 -0.95 -18.79
N ALA A 271 22.13 -2.17 -18.34
CA ALA A 271 22.06 -3.41 -19.13
C ALA A 271 20.61 -3.66 -19.57
N THR A 272 20.43 -4.35 -20.71
CA THR A 272 19.12 -4.86 -21.22
C THR A 272 18.87 -6.25 -20.64
N ALA A 273 17.62 -6.71 -20.67
CA ALA A 273 17.23 -8.09 -20.31
C ALA A 273 18.11 -9.09 -21.07
N THR A 274 18.29 -8.90 -22.39
CA THR A 274 19.09 -9.81 -23.24
C THR A 274 20.51 -9.91 -22.66
N GLN A 275 21.13 -8.76 -22.37
CA GLN A 275 22.55 -8.70 -21.89
C GLN A 275 22.66 -9.43 -20.53
N LEU A 276 21.67 -9.27 -19.65
CA LEU A 276 21.70 -9.81 -18.27
C LEU A 276 21.46 -11.33 -18.28
N LEU A 277 20.75 -11.85 -19.28
CA LEU A 277 20.58 -13.31 -19.49
C LEU A 277 21.98 -13.98 -19.69
N GLN A 278 23.01 -13.20 -20.04
CA GLN A 278 24.41 -13.70 -20.26
C GLN A 278 25.29 -13.46 -19.01
N HIS A 279 24.75 -12.87 -17.97
CA HIS A 279 25.49 -12.63 -16.70
C HIS A 279 25.71 -13.95 -15.98
N PRO A 280 26.96 -14.21 -15.50
CA PRO A 280 27.31 -15.49 -14.89
C PRO A 280 26.27 -15.97 -13.87
N PHE A 281 25.68 -15.06 -13.10
CA PHE A 281 24.75 -15.39 -12.00
C PHE A 281 23.54 -16.11 -12.56
N VAL A 282 23.15 -15.74 -13.80
CA VAL A 282 21.88 -16.15 -14.47
C VAL A 282 22.20 -17.22 -15.53
N ARG A 283 23.22 -16.97 -16.36
CA ARG A 283 23.66 -17.86 -17.46
C ARG A 283 23.84 -19.29 -16.91
N SER A 284 24.31 -19.39 -15.66
CA SER A 284 24.69 -20.65 -14.98
C SER A 284 23.48 -21.29 -14.29
N ALA A 285 22.27 -20.75 -14.49
CA ALA A 285 21.07 -21.06 -13.68
C ALA A 285 20.66 -22.50 -13.94
N LYS A 286 20.23 -23.20 -12.89
CA LYS A 286 19.74 -24.61 -12.99
C LYS A 286 18.29 -24.60 -13.45
N GLY A 287 17.82 -25.75 -13.94
CA GLY A 287 16.42 -25.96 -14.32
C GLY A 287 15.47 -25.71 -13.16
N VAL A 288 14.18 -25.79 -13.40
CA VAL A 288 13.12 -25.50 -12.41
C VAL A 288 13.08 -26.60 -11.36
N SER A 289 13.86 -27.68 -11.53
CA SER A 289 13.84 -28.85 -10.63
C SER A 289 14.33 -28.45 -9.21
N ILE A 290 15.16 -27.41 -9.08
CA ILE A 290 15.68 -26.92 -7.75
C ILE A 290 14.59 -26.12 -7.03
N LEU A 291 13.45 -25.87 -7.67
CA LEU A 291 12.32 -25.14 -7.06
C LEU A 291 11.34 -26.14 -6.44
N ARG A 292 11.59 -27.45 -6.59
CA ARG A 292 10.65 -28.53 -6.20
C ARG A 292 10.30 -28.39 -4.71
N ASP A 293 11.31 -28.23 -3.86
CA ASP A 293 11.15 -28.19 -2.38
C ASP A 293 10.43 -26.91 -1.99
N LEU A 294 10.88 -25.77 -2.51
CA LEU A 294 10.27 -24.44 -2.29
C LEU A 294 8.77 -24.51 -2.62
N ILE A 295 8.40 -25.02 -3.80
CA ILE A 295 7.00 -25.15 -4.25
C ILE A 295 6.24 -26.04 -3.23
N ASN A 296 6.74 -27.25 -2.98
CA ASN A 296 6.06 -28.32 -2.20
C ASN A 296 5.78 -27.81 -0.78
N GLU A 297 6.78 -27.22 -0.12
CA GLU A 297 6.65 -26.66 1.25
C GLU A 297 5.57 -25.59 1.26
N ALA A 298 5.67 -24.61 0.36
CA ALA A 298 4.72 -23.48 0.22
C ALA A 298 3.29 -24.01 0.17
N MET A 299 2.98 -24.87 -0.80
CA MET A 299 1.61 -25.34 -1.11
C MET A 299 1.13 -26.25 0.03
N ASP A 300 2.04 -26.89 0.74
CA ASP A 300 1.75 -27.70 1.95
C ASP A 300 1.26 -26.77 3.06
N VAL A 301 1.96 -25.65 3.32
CA VAL A 301 1.60 -24.65 4.36
C VAL A 301 0.25 -24.02 3.98
N LYS A 302 0.00 -23.84 2.67
CA LYS A 302 -1.29 -23.32 2.12
C LYS A 302 -2.41 -24.30 2.48
N LEU A 303 -2.23 -25.59 2.18
CA LEU A 303 -3.26 -26.66 2.34
C LEU A 303 -3.57 -26.86 3.83
N LYS A 304 -2.56 -26.73 4.70
CA LYS A 304 -2.70 -26.86 6.18
C LYS A 304 -3.56 -25.69 6.71
N ARG A 305 -3.27 -24.47 6.26
CA ARG A 305 -3.97 -23.23 6.69
C ARG A 305 -5.44 -23.26 6.21
N GLN A 306 -5.71 -23.96 5.10
CA GLN A 306 -7.05 -24.08 4.48
C GLN A 306 -7.88 -25.14 5.24
N GLU A 307 -7.24 -25.94 6.10
CA GLU A 307 -7.88 -26.94 7.00
C GLU A 307 -8.24 -26.25 8.33
N SER A 308 -8.42 -24.93 8.29
CA SER A 308 -9.21 -24.13 9.27
C SER A 308 -10.40 -23.50 8.53
N GLN A 309 -11.43 -24.31 8.22
CA GLN A 309 -12.67 -23.91 7.50
C GLN A 309 -13.80 -23.72 8.52
N VAL B 30 12.21 -6.36 30.65
CA VAL B 30 11.94 -4.89 30.45
C VAL B 30 10.41 -4.66 30.43
N PHE B 31 9.68 -5.47 29.66
CA PHE B 31 8.20 -5.38 29.47
C PHE B 31 7.72 -6.60 28.67
N ASP B 32 6.46 -6.99 28.90
CA ASP B 32 5.82 -8.21 28.34
C ASP B 32 5.15 -7.85 27.01
N VAL B 33 5.76 -8.25 25.89
CA VAL B 33 5.27 -7.95 24.50
C VAL B 33 4.19 -8.97 24.13
N LEU B 34 3.02 -8.49 23.69
CA LEU B 34 1.87 -9.34 23.27
C LEU B 34 1.68 -9.21 21.74
N GLU B 35 0.43 -9.10 21.29
CA GLU B 35 0.03 -9.28 19.86
C GLU B 35 0.40 -8.01 19.06
N LYS B 36 0.76 -8.20 17.79
CA LYS B 36 0.78 -7.11 16.76
C LYS B 36 -0.60 -6.46 16.72
N LEU B 37 -0.66 -5.13 16.74
CA LEU B 37 -1.91 -4.34 16.65
C LEU B 37 -2.09 -3.82 15.21
N GLY B 38 -0.97 -3.62 14.50
CA GLY B 38 -0.94 -3.36 13.04
C GLY B 38 0.37 -2.72 12.61
N GLU B 39 0.43 -2.25 11.37
CA GLU B 39 1.51 -1.38 10.84
C GLU B 39 1.13 0.09 11.10
N GLY B 40 2.11 0.93 11.44
CA GLY B 40 2.09 2.37 11.17
C GLY B 40 2.49 2.67 9.74
N SER B 41 2.61 3.94 9.38
CA SER B 41 3.18 4.40 8.09
C SER B 41 4.58 3.79 7.92
N TYR B 42 5.39 3.80 9.00
CA TYR B 42 6.83 3.40 9.02
C TYR B 42 7.15 2.67 10.34
N GLY B 43 6.58 1.46 10.53
CA GLY B 43 6.95 0.51 11.61
C GLY B 43 5.74 -0.29 12.12
N SER B 44 5.99 -1.52 12.61
CA SER B 44 4.95 -2.43 13.22
C SER B 44 4.72 -2.04 14.68
N VAL B 45 3.48 -2.17 15.16
CA VAL B 45 3.04 -1.70 16.52
C VAL B 45 2.46 -2.89 17.31
N TYR B 46 2.91 -3.08 18.55
CA TYR B 46 2.55 -4.23 19.42
C TYR B 46 1.96 -3.70 20.73
N LYS B 47 0.94 -4.39 21.25
CA LYS B 47 0.49 -4.29 22.66
C LYS B 47 1.63 -4.78 23.57
N ALA B 48 1.74 -4.24 24.79
CA ALA B 48 2.75 -4.63 25.78
C ALA B 48 2.29 -4.23 27.19
N ILE B 49 2.83 -4.90 28.21
CA ILE B 49 2.64 -4.57 29.66
C ILE B 49 3.99 -4.16 30.25
N HIS B 50 4.06 -2.98 30.88
CA HIS B 50 5.19 -2.52 31.71
C HIS B 50 5.37 -3.45 32.91
N LYS B 51 6.38 -4.32 32.86
CA LYS B 51 6.61 -5.44 33.82
C LYS B 51 6.45 -4.93 35.27
N GLU B 52 6.89 -3.71 35.54
CA GLU B 52 6.95 -3.12 36.91
C GLU B 52 5.53 -2.78 37.40
N THR B 53 4.79 -1.99 36.62
CA THR B 53 3.62 -1.18 37.07
C THR B 53 2.31 -1.85 36.66
N GLY B 54 2.37 -2.82 35.73
CA GLY B 54 1.18 -3.50 35.18
C GLY B 54 0.47 -2.66 34.13
N GLN B 55 0.87 -1.38 34.02
CA GLN B 55 0.39 -0.43 32.96
C GLN B 55 0.49 -1.09 31.59
N ILE B 56 -0.51 -0.87 30.74
CA ILE B 56 -0.55 -1.37 29.32
C ILE B 56 -0.11 -0.24 28.40
N VAL B 57 0.64 -0.57 27.35
CA VAL B 57 1.32 0.42 26.44
C VAL B 57 1.32 -0.16 25.01
N ALA B 58 1.54 0.70 24.01
CA ALA B 58 1.86 0.33 22.62
C ALA B 58 3.34 0.61 22.34
N ILE B 59 3.99 -0.26 21.55
CA ILE B 59 5.43 -0.15 21.17
C ILE B 59 5.54 -0.30 19.65
N LYS B 60 5.95 0.77 18.96
CA LYS B 60 6.28 0.73 17.50
C LYS B 60 7.75 0.38 17.35
N GLN B 61 8.05 -0.71 16.63
CA GLN B 61 9.43 -1.17 16.32
C GLN B 61 9.82 -0.70 14.92
N VAL B 62 10.92 0.06 14.81
CA VAL B 62 11.50 0.53 13.53
C VAL B 62 13.00 0.20 13.52
N PRO B 63 13.52 -0.52 12.49
CA PRO B 63 14.97 -0.67 12.31
C PRO B 63 15.62 0.65 11.91
N VAL B 64 16.97 0.73 12.00
CA VAL B 64 17.79 1.94 11.67
C VAL B 64 18.69 1.62 10.46
N GLU B 65 18.74 2.54 9.48
CA GLU B 65 19.67 2.49 8.31
C GLU B 65 21.03 3.06 8.73
N GLN B 69 18.17 9.18 12.11
CA GLN B 69 18.06 10.62 12.47
C GLN B 69 16.59 11.07 12.35
N GLU B 70 15.94 10.76 11.22
CA GLU B 70 14.57 11.25 10.89
C GLU B 70 13.55 10.67 11.89
N ILE B 71 13.81 9.47 12.41
CA ILE B 71 12.93 8.77 13.42
C ILE B 71 12.88 9.61 14.71
N ILE B 72 14.02 10.20 15.11
CA ILE B 72 14.15 11.09 16.29
C ILE B 72 13.12 12.22 16.19
N LYS B 73 12.87 12.72 14.98
CA LYS B 73 11.85 13.77 14.67
C LYS B 73 10.51 13.35 15.28
N GLU B 74 10.02 12.16 14.93
CA GLU B 74 8.72 11.60 15.45
C GLU B 74 8.75 11.63 16.99
N ILE B 75 9.80 11.07 17.60
CA ILE B 75 9.97 10.96 19.08
C ILE B 75 9.96 12.38 19.68
N SER B 76 10.75 13.27 19.10
CA SER B 76 10.87 14.70 19.49
C SER B 76 9.48 15.36 19.51
N ILE B 77 8.76 15.27 18.38
CA ILE B 77 7.41 15.89 18.22
C ILE B 77 6.45 15.30 19.27
N MET B 78 6.58 14.00 19.56
CA MET B 78 5.76 13.29 20.58
C MET B 78 6.01 13.88 21.97
N GLN B 79 7.28 14.16 22.32
CA GLN B 79 7.68 14.66 23.67
C GLN B 79 7.15 16.08 23.88
N GLN B 80 7.28 16.94 22.87
CA GLN B 80 6.82 18.36 22.88
C GLN B 80 5.30 18.43 23.10
N CYS B 81 4.54 17.44 22.60
CA CYS B 81 3.06 17.34 22.74
C CYS B 81 2.69 16.85 24.14
N ASP B 82 1.76 17.56 24.80
CA ASP B 82 1.05 17.09 26.02
C ASP B 82 -0.42 17.46 25.91
N SER B 83 -1.25 16.54 25.39
CA SER B 83 -2.69 16.76 25.11
C SER B 83 -3.47 15.47 25.28
N PRO B 84 -4.68 15.52 25.89
CA PRO B 84 -5.53 14.33 26.02
C PRO B 84 -6.02 13.84 24.65
N HIS B 85 -5.79 14.61 23.59
CA HIS B 85 -6.29 14.34 22.20
C HIS B 85 -5.14 13.81 21.32
N VAL B 86 -3.96 13.59 21.91
CA VAL B 86 -2.74 13.09 21.21
C VAL B 86 -2.15 11.96 22.05
N VAL B 87 -1.79 10.84 21.42
CA VAL B 87 -1.08 9.72 22.08
C VAL B 87 0.20 10.30 22.71
N LYS B 88 0.38 10.07 24.01
CA LYS B 88 1.52 10.61 24.78
C LYS B 88 2.72 9.68 24.56
N TYR B 89 3.93 10.25 24.61
CA TYR B 89 5.23 9.52 24.57
C TYR B 89 5.64 9.16 26.00
N TYR B 90 6.03 7.90 26.21
CA TYR B 90 6.42 7.36 27.54
C TYR B 90 7.94 7.24 27.61
N GLY B 91 8.58 6.77 26.53
CA GLY B 91 10.04 6.60 26.46
C GLY B 91 10.47 5.71 25.31
N SER B 92 11.78 5.47 25.18
CA SER B 92 12.42 4.71 24.08
C SER B 92 13.40 3.68 24.67
N TYR B 93 13.53 2.52 24.01
CA TYR B 93 14.65 1.57 24.16
C TYR B 93 15.05 1.05 22.78
N PHE B 94 16.34 0.77 22.60
CA PHE B 94 16.87 0.07 21.40
C PHE B 94 17.07 -1.41 21.76
N LYS B 95 16.59 -2.30 20.89
CA LYS B 95 16.62 -3.77 21.08
C LYS B 95 17.24 -4.41 19.83
N ASN B 96 18.47 -4.90 19.94
CA ASN B 96 19.34 -5.26 18.79
C ASN B 96 19.63 -3.97 17.99
N THR B 97 19.20 -3.91 16.74
CA THR B 97 19.35 -2.73 15.84
C THR B 97 18.03 -1.95 15.76
N ASP B 98 16.94 -2.52 16.28
CA ASP B 98 15.57 -1.97 16.16
C ASP B 98 15.29 -1.04 17.34
N LEU B 99 14.82 0.18 17.07
CA LEU B 99 14.37 1.15 18.10
C LEU B 99 12.90 0.91 18.43
N TRP B 100 12.59 0.64 19.70
CA TRP B 100 11.21 0.43 20.23
C TRP B 100 10.74 1.71 20.93
N ILE B 101 9.73 2.39 20.35
CA ILE B 101 9.13 3.64 20.90
C ILE B 101 7.86 3.28 21.69
N VAL B 102 7.76 3.74 22.94
CA VAL B 102 6.68 3.34 23.90
C VAL B 102 5.66 4.47 24.03
N MET B 103 4.37 4.16 23.78
CA MET B 103 3.27 5.13 23.56
C MET B 103 2.07 4.74 24.43
N GLU B 104 1.16 5.70 24.64
CA GLU B 104 -0.23 5.50 25.14
C GLU B 104 -0.92 4.40 24.32
N TYR B 105 -1.56 3.43 25.01
CA TYR B 105 -2.42 2.37 24.42
C TYR B 105 -3.88 2.83 24.42
N CYS B 106 -4.52 2.77 23.25
CA CYS B 106 -5.96 3.06 23.04
C CYS B 106 -6.69 1.77 22.65
N GLY B 107 -7.53 1.25 23.55
CA GLY B 107 -7.93 -0.18 23.59
C GLY B 107 -8.96 -0.55 22.52
N ALA B 108 -9.52 0.44 21.79
CA ALA B 108 -10.54 0.22 20.73
C ALA B 108 -9.86 0.19 19.35
N GLY B 109 -8.60 0.64 19.27
CA GLY B 109 -7.82 0.68 18.04
C GLY B 109 -8.22 1.84 17.14
N SER B 110 -7.89 1.75 15.86
CA SER B 110 -8.16 2.79 14.85
C SER B 110 -9.61 2.71 14.38
N VAL B 111 -10.14 3.82 13.88
CA VAL B 111 -11.51 3.92 13.31
C VAL B 111 -11.57 3.03 12.05
N SER B 112 -10.47 2.97 11.29
CA SER B 112 -10.29 2.09 10.12
C SER B 112 -10.58 0.64 10.51
N ASP B 113 -9.95 0.16 11.59
CA ASP B 113 -10.10 -1.22 12.13
C ASP B 113 -11.56 -1.46 12.51
N ILE B 114 -12.22 -0.46 13.11
CA ILE B 114 -13.56 -0.60 13.74
C ILE B 114 -14.60 -0.71 12.62
N ILE B 115 -14.43 0.04 11.54
CA ILE B 115 -15.27 -0.04 10.30
C ILE B 115 -15.09 -1.43 9.66
N ARG B 116 -13.84 -1.90 9.53
CA ARG B 116 -13.49 -3.20 8.93
C ARG B 116 -14.10 -4.33 9.78
N LEU B 117 -13.78 -4.36 11.08
CA LEU B 117 -14.18 -5.45 12.01
C LEU B 117 -15.71 -5.66 11.98
N ARG B 118 -16.48 -4.56 11.93
CA ARG B 118 -17.97 -4.58 12.04
C ARG B 118 -18.58 -4.63 10.63
N ASN B 119 -17.77 -4.40 9.59
CA ASN B 119 -18.22 -4.34 8.17
C ASN B 119 -19.37 -3.34 8.05
N LYS B 120 -19.27 -2.20 8.75
CA LYS B 120 -20.26 -1.09 8.74
C LYS B 120 -19.51 0.24 8.69
N THR B 121 -19.97 1.15 7.83
CA THR B 121 -19.60 2.59 7.86
C THR B 121 -20.26 3.24 9.07
N LEU B 122 -19.86 4.45 9.41
CA LEU B 122 -20.26 5.15 10.66
C LEU B 122 -21.40 6.13 10.36
N THR B 123 -22.25 6.37 11.36
CA THR B 123 -23.38 7.33 11.30
C THR B 123 -22.81 8.75 11.38
N GLU B 124 -23.50 9.72 10.79
CA GLU B 124 -23.22 11.16 10.95
C GLU B 124 -22.86 11.47 12.41
N ASP B 125 -23.59 10.90 13.37
CA ASP B 125 -23.51 11.29 14.79
C ASP B 125 -22.23 10.71 15.41
N GLU B 126 -21.82 9.51 14.99
CA GLU B 126 -20.56 8.84 15.43
C GLU B 126 -19.36 9.60 14.87
N ILE B 127 -19.43 10.00 13.59
CA ILE B 127 -18.39 10.79 12.87
C ILE B 127 -18.24 12.15 13.56
N ALA B 128 -19.35 12.85 13.78
CA ALA B 128 -19.41 14.17 14.44
C ALA B 128 -18.60 14.13 15.73
N THR B 129 -18.85 13.15 16.60
CA THR B 129 -18.29 13.08 17.98
C THR B 129 -16.79 12.81 17.88
N ILE B 130 -16.41 11.86 17.03
CA ILE B 130 -15.00 11.43 16.82
C ILE B 130 -14.19 12.60 16.23
N LEU B 131 -14.76 13.31 15.26
CA LEU B 131 -14.05 14.39 14.51
C LEU B 131 -13.92 15.63 15.40
N GLN B 132 -14.85 15.84 16.34
CA GLN B 132 -14.75 16.94 17.34
C GLN B 132 -13.49 16.72 18.19
N SER B 133 -13.28 15.52 18.71
CA SER B 133 -12.07 15.16 19.50
C SER B 133 -10.83 15.28 18.61
N THR B 134 -10.93 14.77 17.39
CA THR B 134 -9.87 14.84 16.36
C THR B 134 -9.49 16.31 16.11
N LEU B 135 -10.47 17.20 16.01
CA LEU B 135 -10.25 18.64 15.71
C LEU B 135 -9.56 19.32 16.90
N LYS B 136 -9.84 18.88 18.12
CA LYS B 136 -9.22 19.45 19.34
C LYS B 136 -7.74 19.06 19.37
N GLY B 137 -7.42 17.85 18.92
CA GLY B 137 -6.05 17.39 18.67
C GLY B 137 -5.35 18.26 17.65
N LEU B 138 -5.99 18.50 16.52
CA LEU B 138 -5.44 19.34 15.42
C LEU B 138 -5.24 20.78 15.91
N GLU B 139 -6.18 21.30 16.69
CA GLU B 139 -6.12 22.70 17.21
C GLU B 139 -4.90 22.85 18.11
N TYR B 140 -4.63 21.86 18.94
CA TYR B 140 -3.43 21.79 19.82
C TYR B 140 -2.17 21.74 18.94
N LEU B 141 -2.11 20.81 17.99
CA LEU B 141 -0.93 20.59 17.13
C LEU B 141 -0.61 21.88 16.38
N HIS B 142 -1.62 22.49 15.77
CA HIS B 142 -1.46 23.64 14.85
C HIS B 142 -0.96 24.84 15.64
N PHE B 143 -1.45 25.02 16.87
CA PHE B 143 -0.99 26.08 17.78
C PHE B 143 0.48 25.88 18.10
N MET B 144 0.91 24.62 18.20
CA MET B 144 2.31 24.21 18.51
C MET B 144 3.13 24.12 17.21
N ARG B 145 2.61 24.69 16.12
CA ARG B 145 3.35 24.83 14.82
C ARG B 145 3.71 23.45 14.27
N LYS B 146 2.87 22.45 14.52
CA LYS B 146 3.07 21.05 14.05
C LYS B 146 2.02 20.73 12.97
N ILE B 147 2.46 20.13 11.86
CA ILE B 147 1.59 19.52 10.82
C ILE B 147 1.70 18.00 10.95
N HIS B 148 0.57 17.30 11.03
CA HIS B 148 0.51 15.82 11.16
C HIS B 148 0.89 15.18 9.81
N ARG B 149 0.15 15.55 8.75
CA ARG B 149 0.46 15.26 7.31
C ARG B 149 -0.01 13.85 6.92
N ASP B 150 -0.58 13.10 7.86
CA ASP B 150 -1.08 11.71 7.61
C ASP B 150 -2.43 11.51 8.32
N ILE B 151 -3.32 12.48 8.24
CA ILE B 151 -4.69 12.40 8.83
C ILE B 151 -5.52 11.44 7.97
N LYS B 152 -5.93 10.33 8.54
CA LYS B 152 -6.91 9.37 7.97
C LYS B 152 -7.44 8.50 9.10
N ALA B 153 -8.47 7.69 8.83
CA ALA B 153 -9.16 6.84 9.81
C ALA B 153 -8.15 5.90 10.49
N GLY B 154 -7.13 5.46 9.73
CA GLY B 154 -6.03 4.61 10.22
C GLY B 154 -5.32 5.23 11.42
N ASN B 155 -5.26 6.57 11.49
CA ASN B 155 -4.38 7.32 12.42
C ASN B 155 -5.23 8.10 13.44
N ILE B 156 -6.50 7.74 13.58
CA ILE B 156 -7.38 8.23 14.67
C ILE B 156 -7.79 7.02 15.54
N LEU B 157 -7.43 7.08 16.82
CA LEU B 157 -7.59 5.96 17.79
C LEU B 157 -8.68 6.30 18.77
N LEU B 158 -9.39 5.30 19.28
CA LEU B 158 -10.29 5.41 20.45
C LEU B 158 -9.75 4.53 21.59
N ASN B 159 -9.62 5.11 22.79
CA ASN B 159 -9.46 4.34 24.06
C ASN B 159 -10.82 3.72 24.44
N THR B 160 -10.83 2.80 25.39
CA THR B 160 -12.00 1.98 25.77
C THR B 160 -13.19 2.89 26.11
N GLU B 161 -12.92 4.08 26.65
CA GLU B 161 -13.95 5.08 27.08
C GLU B 161 -14.55 5.80 25.86
N GLY B 162 -13.90 5.70 24.71
CA GLY B 162 -14.38 6.28 23.43
C GLY B 162 -13.78 7.66 23.15
N HIS B 163 -12.75 8.06 23.90
CA HIS B 163 -11.97 9.31 23.66
C HIS B 163 -11.03 9.11 22.47
N ALA B 164 -11.08 10.01 21.48
CA ALA B 164 -10.27 9.92 20.24
C ALA B 164 -8.93 10.62 20.44
N LYS B 165 -7.86 10.06 19.86
CA LYS B 165 -6.47 10.59 19.95
C LYS B 165 -5.79 10.42 18.60
N LEU B 166 -5.06 11.45 18.16
CA LEU B 166 -4.21 11.43 16.95
C LEU B 166 -2.99 10.55 17.21
N ALA B 167 -2.71 9.61 16.29
CA ALA B 167 -1.56 8.68 16.33
C ALA B 167 -0.72 8.84 15.06
N ASP B 168 0.52 8.35 15.10
CA ASP B 168 1.42 8.16 13.92
C ASP B 168 2.02 9.52 13.51
N PHE B 169 3.07 9.96 14.20
CA PHE B 169 3.76 11.25 13.92
C PHE B 169 5.00 10.98 13.07
N GLY B 170 4.99 9.87 12.31
CA GLY B 170 6.11 9.39 11.48
C GLY B 170 6.53 10.42 10.44
N VAL B 171 5.57 11.12 9.85
CA VAL B 171 5.79 12.04 8.69
C VAL B 171 5.43 13.48 9.09
N ALA B 172 5.26 13.74 10.39
CA ALA B 172 4.83 15.05 10.95
C ALA B 172 5.94 16.10 10.72
N GLY B 173 5.54 17.36 10.57
CA GLY B 173 6.45 18.48 10.23
C GLY B 173 6.34 19.60 11.24
N GLN B 174 7.42 20.37 11.38
CA GLN B 174 7.57 21.43 12.39
C GLN B 174 7.79 22.77 11.67
N LEU B 175 7.01 23.80 12.02
CA LEU B 175 7.23 25.20 11.55
C LEU B 175 8.05 25.94 12.59
N THR B 176 8.89 26.88 12.14
CA THR B 176 9.81 27.69 12.97
C THR B 176 9.82 29.14 12.46
N ASP B 177 10.55 30.02 13.13
CA ASP B 177 10.60 31.47 12.84
C ASP B 177 11.09 31.70 11.41
N TPO B 178 12.01 30.86 10.92
CA TPO B 178 12.58 31.05 9.59
CB TPO B 178 14.11 30.90 9.61
CG2 TPO B 178 14.83 32.20 9.91
OG1 TPO B 178 14.48 29.93 10.65
P TPO B 178 15.55 28.74 10.36
O1P TPO B 178 15.15 28.14 9.02
O2P TPO B 178 15.39 27.75 11.50
O3P TPO B 178 16.91 29.40 10.33
C TPO B 178 11.94 30.09 8.58
O TPO B 178 12.20 30.18 7.38
N MET B 179 11.10 29.16 9.08
CA MET B 179 10.40 28.23 8.22
C MET B 179 8.89 28.27 8.53
N ALA B 180 8.17 29.21 7.89
CA ALA B 180 6.71 29.40 8.05
C ALA B 180 5.96 28.38 7.20
N LYS B 181 6.69 27.67 6.31
CA LYS B 181 6.13 26.65 5.40
C LYS B 181 7.07 25.45 5.29
N ARG B 182 6.51 24.26 5.08
CA ARG B 182 7.21 23.05 4.59
C ARG B 182 6.94 22.89 3.10
N ASN B 183 7.76 22.11 2.39
CA ASN B 183 7.57 21.83 0.93
C ASN B 183 7.76 20.33 0.65
N TPO B 184 7.98 19.52 1.69
CA TPO B 184 8.14 18.09 1.54
CB TPO B 184 8.60 17.43 2.84
CG2 TPO B 184 8.99 15.98 2.67
OG1 TPO B 184 9.77 18.16 3.35
P TPO B 184 9.92 18.42 4.93
O1P TPO B 184 8.80 19.33 5.30
O2P TPO B 184 9.81 17.07 5.60
O3P TPO B 184 11.29 19.05 5.11
C TPO B 184 6.82 17.46 1.07
O TPO B 184 5.80 17.55 1.75
N VAL B 185 6.87 16.83 -0.11
CA VAL B 185 5.75 16.06 -0.64
C VAL B 185 5.66 14.74 0.12
N ILE B 186 4.70 14.61 1.02
CA ILE B 186 4.58 13.45 1.95
C ILE B 186 3.13 13.34 2.46
N GLY B 187 2.74 12.15 2.91
CA GLY B 187 1.35 11.80 3.27
C GLY B 187 0.93 10.47 2.65
N THR B 188 -0.37 10.19 2.66
CA THR B 188 -1.00 9.07 1.93
C THR B 188 -1.82 9.65 0.77
N PRO B 189 -1.47 9.33 -0.50
CA PRO B 189 -1.96 10.07 -1.66
C PRO B 189 -3.44 10.54 -1.63
N PHE B 190 -4.38 9.62 -1.45
CA PHE B 190 -5.85 9.88 -1.54
C PHE B 190 -6.23 11.03 -0.59
N TRP B 191 -5.48 11.18 0.52
CA TRP B 191 -5.79 12.05 1.67
C TRP B 191 -5.03 13.39 1.56
N MET B 192 -4.08 13.47 0.64
CA MET B 192 -3.07 14.56 0.61
C MET B 192 -3.67 15.79 -0.03
N ALA B 193 -3.41 16.95 0.55
CA ALA B 193 -3.91 18.26 0.08
C ALA B 193 -3.20 18.64 -1.21
N PRO B 194 -3.88 19.34 -2.14
CA PRO B 194 -3.28 19.71 -3.41
C PRO B 194 -1.96 20.48 -3.23
N GLU B 195 -1.91 21.44 -2.29
CA GLU B 195 -0.74 22.33 -2.08
C GLU B 195 0.46 21.49 -1.60
N VAL B 196 0.19 20.36 -0.92
CA VAL B 196 1.26 19.43 -0.44
C VAL B 196 1.89 18.75 -1.66
N ILE B 197 1.05 18.42 -2.65
CA ILE B 197 1.43 17.64 -3.86
C ILE B 197 2.17 18.57 -4.82
N GLN B 198 1.65 19.79 -5.04
CA GLN B 198 2.33 20.86 -5.79
C GLN B 198 3.59 21.27 -5.04
N GLU B 199 4.56 21.87 -5.70
CA GLU B 199 5.92 22.09 -5.16
C GLU B 199 5.90 23.30 -4.21
N ILE B 200 4.88 24.16 -4.33
CA ILE B 200 4.64 25.33 -3.44
C ILE B 200 4.64 24.85 -2.00
N GLY B 201 5.02 25.73 -1.07
CA GLY B 201 5.04 25.44 0.38
C GLY B 201 3.64 25.43 0.96
N TYR B 202 3.46 24.83 2.12
CA TYR B 202 2.17 24.65 2.80
C TYR B 202 2.36 24.76 4.32
N ASN B 203 1.25 24.81 5.04
CA ASN B 203 1.24 24.94 6.52
C ASN B 203 0.13 24.02 7.07
N CYS B 204 -0.38 24.33 8.25
CA CYS B 204 -1.15 23.42 9.12
C CYS B 204 -2.44 22.97 8.41
N VAL B 205 -3.03 23.82 7.56
CA VAL B 205 -4.41 23.64 7.05
C VAL B 205 -4.43 22.49 6.03
N ALA B 206 -3.27 21.97 5.64
CA ALA B 206 -3.14 20.72 4.89
C ALA B 206 -3.88 19.60 5.63
N ASP B 207 -3.80 19.59 6.97
CA ASP B 207 -4.40 18.56 7.85
C ASP B 207 -5.94 18.61 7.72
N ILE B 208 -6.50 19.80 7.47
CA ILE B 208 -7.97 20.04 7.40
C ILE B 208 -8.52 19.40 6.11
N TRP B 209 -7.81 19.54 4.98
CA TRP B 209 -8.14 18.84 3.71
C TRP B 209 -8.20 17.33 3.96
N SER B 210 -7.16 16.78 4.60
CA SER B 210 -7.06 15.35 4.96
C SER B 210 -8.25 14.95 5.83
N LEU B 211 -8.66 15.81 6.76
CA LEU B 211 -9.83 15.59 7.64
C LEU B 211 -11.08 15.45 6.79
N GLY B 212 -11.26 16.33 5.80
CA GLY B 212 -12.37 16.27 4.83
C GLY B 212 -12.46 14.91 4.17
N ILE B 213 -11.35 14.43 3.60
CA ILE B 213 -11.26 13.09 2.94
C ILE B 213 -11.64 12.03 3.97
N THR B 214 -11.20 12.18 5.22
CA THR B 214 -11.39 11.20 6.32
C THR B 214 -12.87 11.13 6.69
N ALA B 215 -13.54 12.28 6.72
CA ALA B 215 -15.00 12.40 6.91
C ALA B 215 -15.72 11.54 5.88
N ILE B 216 -15.33 11.65 4.60
CA ILE B 216 -15.90 10.85 3.47
C ILE B 216 -15.56 9.37 3.71
N GLU B 217 -14.32 9.08 4.12
CA GLU B 217 -13.79 7.70 4.34
C GLU B 217 -14.66 6.97 5.38
N MET B 218 -14.99 7.65 6.48
CA MET B 218 -15.75 7.08 7.61
C MET B 218 -17.22 6.88 7.19
N ALA B 219 -17.73 7.77 6.32
CA ALA B 219 -19.14 7.78 5.86
C ALA B 219 -19.36 6.67 4.83
N GLU B 220 -18.41 6.49 3.91
CA GLU B 220 -18.58 5.72 2.65
C GLU B 220 -17.73 4.44 2.71
N GLY B 221 -16.72 4.41 3.59
CA GLY B 221 -15.87 3.22 3.84
C GLY B 221 -14.50 3.36 3.18
N LYS B 222 -14.41 4.21 2.15
CA LYS B 222 -13.19 4.44 1.32
C LYS B 222 -13.12 5.92 0.96
N PRO B 223 -11.91 6.47 0.74
CA PRO B 223 -11.77 7.80 0.17
C PRO B 223 -12.28 7.89 -1.27
N PRO B 224 -12.47 9.12 -1.79
CA PRO B 224 -12.67 9.31 -3.22
C PRO B 224 -11.45 8.85 -4.02
N TYR B 225 -11.67 8.43 -5.27
CA TYR B 225 -10.64 7.90 -6.22
C TYR B 225 -10.09 6.55 -5.72
N ALA B 226 -10.78 5.90 -4.77
CA ALA B 226 -10.31 4.67 -4.09
C ALA B 226 -10.04 3.55 -5.12
N ASP B 227 -10.78 3.56 -6.24
CA ASP B 227 -10.75 2.49 -7.29
C ASP B 227 -9.82 2.94 -8.43
N ILE B 228 -9.05 4.01 -8.20
CA ILE B 228 -7.96 4.51 -9.08
C ILE B 228 -6.61 4.10 -8.44
N HIS B 229 -5.54 4.03 -9.24
CA HIS B 229 -4.15 3.87 -8.75
C HIS B 229 -3.74 5.10 -7.97
N PRO B 230 -3.02 4.94 -6.82
CA PRO B 230 -2.62 6.07 -5.99
C PRO B 230 -1.88 7.16 -6.78
N MET B 231 -0.93 6.75 -7.64
CA MET B 231 0.05 7.65 -8.30
C MET B 231 -0.63 8.38 -9.46
N ARG B 232 -1.77 7.87 -9.95
CA ARG B 232 -2.62 8.56 -10.95
C ARG B 232 -3.49 9.61 -10.22
N ALA B 233 -3.97 9.28 -9.03
CA ALA B 233 -4.82 10.15 -8.19
C ALA B 233 -4.04 11.41 -7.78
N ILE B 234 -2.80 11.23 -7.29
CA ILE B 234 -1.92 12.32 -6.79
C ILE B 234 -1.82 13.43 -7.85
N PHE B 235 -1.80 13.07 -9.14
CA PHE B 235 -1.62 14.02 -10.26
C PHE B 235 -2.97 14.68 -10.60
N MET B 236 -4.07 14.11 -10.15
CA MET B 236 -5.45 14.56 -10.47
C MET B 236 -5.97 15.51 -9.36
N ILE B 237 -5.61 15.27 -8.10
CA ILE B 237 -6.14 16.01 -6.92
C ILE B 237 -5.95 17.51 -7.14
N PRO B 238 -4.74 17.98 -7.53
CA PRO B 238 -4.49 19.40 -7.75
C PRO B 238 -5.40 20.03 -8.82
N THR B 239 -5.74 19.27 -9.87
CA THR B 239 -6.46 19.75 -11.07
C THR B 239 -7.98 19.54 -10.86
N ASN B 240 -8.38 18.44 -10.20
CA ASN B 240 -9.80 18.02 -10.04
C ASN B 240 -10.56 19.02 -9.17
N PRO B 241 -11.88 19.20 -9.39
CA PRO B 241 -12.72 19.92 -8.44
C PRO B 241 -12.76 19.18 -7.12
N PRO B 242 -13.13 19.85 -6.01
CA PRO B 242 -13.08 19.23 -4.70
C PRO B 242 -13.99 18.02 -4.65
N PRO B 243 -13.49 16.85 -4.20
CA PRO B 243 -14.31 15.65 -4.12
C PRO B 243 -15.54 15.86 -3.23
N THR B 244 -16.56 15.04 -3.40
CA THR B 244 -17.82 15.12 -2.65
C THR B 244 -18.31 13.69 -2.37
N PHE B 245 -19.44 13.56 -1.68
CA PHE B 245 -20.09 12.26 -1.36
C PHE B 245 -20.53 11.58 -2.65
N ARG B 246 -20.43 10.25 -2.69
CA ARG B 246 -20.85 9.40 -3.83
C ARG B 246 -22.38 9.46 -3.99
N LYS B 247 -23.12 9.73 -2.90
CA LYS B 247 -24.61 9.75 -2.88
C LYS B 247 -25.08 10.92 -2.04
N PRO B 248 -25.13 12.15 -2.61
CA PRO B 248 -25.41 13.37 -1.85
C PRO B 248 -26.72 13.34 -1.03
N GLU B 249 -27.71 12.59 -1.49
CA GLU B 249 -29.10 12.60 -0.95
C GLU B 249 -29.13 11.88 0.42
N LEU B 250 -28.10 11.08 0.73
CA LEU B 250 -28.01 10.23 1.95
C LEU B 250 -27.70 11.10 3.18
N TRP B 251 -27.10 12.29 2.98
CA TRP B 251 -26.37 13.02 4.06
C TRP B 251 -27.02 14.39 4.32
N SER B 252 -27.01 14.81 5.58
CA SER B 252 -27.56 16.13 6.04
C SER B 252 -26.80 17.26 5.35
N ASP B 253 -27.39 18.44 5.33
CA ASP B 253 -26.79 19.67 4.76
C ASP B 253 -25.58 20.07 5.62
N ASN B 254 -25.66 19.83 6.93
CA ASN B 254 -24.59 20.15 7.92
C ASN B 254 -23.32 19.36 7.57
N PHE B 255 -23.45 18.04 7.34
CA PHE B 255 -22.33 17.12 7.03
C PHE B 255 -21.75 17.44 5.65
N THR B 256 -22.64 17.69 4.69
CA THR B 256 -22.31 18.09 3.29
C THR B 256 -21.49 19.38 3.32
N ASP B 257 -21.89 20.35 4.16
CA ASP B 257 -21.22 21.68 4.28
C ASP B 257 -19.89 21.54 5.00
N PHE B 258 -19.84 20.69 6.04
CA PHE B 258 -18.62 20.41 6.83
C PHE B 258 -17.52 19.96 5.87
N VAL B 259 -17.83 18.94 5.05
CA VAL B 259 -16.90 18.32 4.06
C VAL B 259 -16.48 19.38 3.05
N LYS B 260 -17.43 20.20 2.58
CA LYS B 260 -17.20 21.28 1.59
C LYS B 260 -16.21 22.30 2.16
N GLN B 261 -16.31 22.62 3.47
CA GLN B 261 -15.47 23.64 4.16
C GLN B 261 -14.04 23.09 4.34
N CYS B 262 -13.91 21.79 4.61
CA CYS B 262 -12.62 21.08 4.73
C CYS B 262 -11.91 21.05 3.36
N LEU B 263 -12.66 20.71 2.30
CA LEU B 263 -12.11 20.45 0.94
C LEU B 263 -12.18 21.72 0.10
N VAL B 264 -11.69 22.82 0.64
CA VAL B 264 -11.43 24.07 -0.14
C VAL B 264 -10.00 24.00 -0.66
N LYS B 265 -9.82 24.23 -1.96
CA LYS B 265 -8.57 23.93 -2.68
C LYS B 265 -7.52 24.96 -2.27
N SER B 266 -7.91 26.23 -2.23
CA SER B 266 -7.10 27.38 -1.74
C SER B 266 -6.77 27.17 -0.27
N PRO B 267 -5.48 26.90 0.09
CA PRO B 267 -5.11 26.71 1.48
C PRO B 267 -5.26 28.00 2.30
N GLU B 268 -5.16 29.15 1.66
CA GLU B 268 -5.30 30.48 2.28
C GLU B 268 -6.76 30.67 2.75
N GLN B 269 -7.72 30.14 1.97
CA GLN B 269 -9.18 30.31 2.23
C GLN B 269 -9.67 29.25 3.21
N ARG B 270 -9.01 28.10 3.24
CA ARG B 270 -9.48 26.91 4.00
C ARG B 270 -9.60 27.25 5.49
N ALA B 271 -10.64 26.72 6.15
CA ALA B 271 -10.92 26.89 7.59
C ALA B 271 -9.80 26.25 8.43
N THR B 272 -9.58 26.78 9.64
CA THR B 272 -8.67 26.23 10.68
C THR B 272 -9.43 25.24 11.55
N ALA B 273 -8.71 24.42 12.31
CA ALA B 273 -9.26 23.51 13.34
C ALA B 273 -10.19 24.29 14.28
N THR B 274 -9.73 25.44 14.81
CA THR B 274 -10.51 26.29 15.74
C THR B 274 -11.86 26.65 15.08
N GLN B 275 -11.84 27.14 13.84
CA GLN B 275 -13.05 27.62 13.11
C GLN B 275 -14.03 26.45 12.92
N LEU B 276 -13.53 25.26 12.61
CA LEU B 276 -14.36 24.07 12.28
C LEU B 276 -14.99 23.49 13.55
N LEU B 277 -14.35 23.70 14.71
CA LEU B 277 -14.92 23.29 16.02
C LEU B 277 -16.25 24.01 16.26
N GLN B 278 -16.49 25.13 15.54
CA GLN B 278 -17.72 25.97 15.66
C GLN B 278 -18.74 25.61 14.57
N HIS B 279 -18.42 24.67 13.67
CA HIS B 279 -19.29 24.29 12.54
C HIS B 279 -20.47 23.49 13.08
N PRO B 280 -21.72 23.82 12.64
CA PRO B 280 -22.92 23.20 13.20
C PRO B 280 -22.83 21.67 13.30
N PHE B 281 -22.20 21.03 12.33
CA PHE B 281 -22.08 19.55 12.26
C PHE B 281 -21.36 19.03 13.51
N VAL B 282 -20.41 19.82 14.02
CA VAL B 282 -19.39 19.42 15.04
C VAL B 282 -19.77 20.04 16.40
N ARG B 283 -20.09 21.33 16.41
CA ARG B 283 -20.44 22.08 17.65
C ARG B 283 -21.59 21.35 18.36
N SER B 284 -22.50 20.77 17.59
CA SER B 284 -23.76 20.12 18.08
C SER B 284 -23.52 18.63 18.37
N ALA B 285 -22.26 18.18 18.34
CA ALA B 285 -21.87 16.75 18.48
C ALA B 285 -22.21 16.26 19.90
N LYS B 286 -22.64 15.02 20.01
CA LYS B 286 -23.04 14.38 21.29
C LYS B 286 -21.79 13.89 22.03
N GLY B 287 -21.93 13.60 23.33
CA GLY B 287 -20.86 13.04 24.19
C GLY B 287 -20.38 11.70 23.67
N VAL B 288 -19.34 11.15 24.30
CA VAL B 288 -18.66 9.89 23.85
C VAL B 288 -19.59 8.70 24.08
N SER B 289 -20.73 8.91 24.76
CA SER B 289 -21.66 7.85 25.19
C SER B 289 -22.30 7.16 23.97
N ILE B 290 -22.42 7.86 22.82
CA ILE B 290 -23.04 7.32 21.58
C ILE B 290 -22.02 6.40 20.87
N LEU B 291 -20.80 6.29 21.38
CA LEU B 291 -19.76 5.39 20.83
C LEU B 291 -19.78 4.06 21.59
N ARG B 292 -20.59 3.93 22.64
CA ARG B 292 -20.55 2.78 23.59
C ARG B 292 -20.75 1.47 22.81
N ASP B 293 -21.80 1.42 21.98
CA ASP B 293 -22.20 0.20 21.23
C ASP B 293 -21.16 -0.09 20.16
N LEU B 294 -20.75 0.93 19.39
CA LEU B 294 -19.69 0.87 18.37
C LEU B 294 -18.42 0.23 18.96
N ILE B 295 -17.95 0.76 20.10
CA ILE B 295 -16.73 0.26 20.82
C ILE B 295 -16.95 -1.21 21.18
N ASN B 296 -18.05 -1.52 21.89
CA ASN B 296 -18.32 -2.85 22.50
C ASN B 296 -18.34 -3.92 21.40
N GLU B 297 -19.10 -3.68 20.32
CA GLU B 297 -19.22 -4.61 19.16
C GLU B 297 -17.82 -4.87 18.59
N ALA B 298 -17.10 -3.81 18.25
CA ALA B 298 -15.75 -3.84 17.65
C ALA B 298 -14.84 -4.77 18.47
N MET B 299 -14.64 -4.46 19.75
CA MET B 299 -13.66 -5.13 20.64
C MET B 299 -14.12 -6.58 20.88
N ASP B 300 -15.43 -6.83 20.81
CA ASP B 300 -16.03 -8.18 20.93
C ASP B 300 -15.61 -9.02 19.73
N VAL B 301 -15.76 -8.48 18.51
CA VAL B 301 -15.41 -9.16 17.24
C VAL B 301 -13.89 -9.39 17.21
N LYS B 302 -13.11 -8.47 17.80
CA LYS B 302 -11.64 -8.57 17.96
C LYS B 302 -11.32 -9.79 18.84
N LEU B 303 -11.94 -9.87 20.02
CA LEU B 303 -11.68 -10.91 21.04
C LEU B 303 -12.08 -12.29 20.50
N LYS B 304 -13.17 -12.36 19.73
CA LYS B 304 -13.68 -13.62 19.09
C LYS B 304 -12.65 -14.11 18.06
N ARG B 305 -12.14 -13.21 17.21
CA ARG B 305 -11.18 -13.52 16.12
C ARG B 305 -9.83 -13.96 16.71
N GLN B 306 -9.51 -13.49 17.93
CA GLN B 306 -8.25 -13.80 18.65
C GLN B 306 -8.36 -15.18 19.33
N GLU B 307 -9.55 -15.79 19.33
CA GLU B 307 -9.82 -17.15 19.87
C GLU B 307 -9.83 -18.18 18.72
N SER B 308 -9.20 -17.86 17.59
CA SER B 308 -9.14 -18.70 16.36
C SER B 308 -7.81 -18.48 15.64
OAA 3FX C . -18.10 -19.14 -21.71
OAB 3FX C . -16.94 -21.20 -22.28
OAC 3FX C . -20.17 -18.61 -23.34
OAD 3FX C . -18.97 -21.27 -20.87
CAE 3FX C . -22.36 -17.86 -29.82
CAF 3FX C . -21.39 -16.79 -29.36
CAG 3FX C . -21.87 -19.23 -29.44
CAH 3FX C . -21.14 -16.87 -27.86
CAI 3FX C . -21.61 -19.33 -27.93
CAJ 3FX C . -19.97 -19.62 -25.52
CAK 3FX C . -19.23 -20.81 -23.41
NAL 3FX C . -20.42 -18.33 -26.02
CAM 3FX C . -19.36 -19.48 -24.13
CAN 3FX C . -20.64 -18.26 -27.47
SAO 3FX C . -18.23 -20.66 -21.95
C1 GOL D . 2.43 -7.96 -2.53
O1 GOL D . 1.98 -9.31 -2.53
C2 GOL D . 3.63 -7.77 -1.61
O2 GOL D . 4.82 -7.89 -2.37
C3 GOL D . 3.61 -6.46 -0.85
O3 GOL D . 3.98 -5.37 -1.69
C1 GOL E . -14.88 -16.28 -24.13
O1 GOL E . -15.41 -16.73 -22.89
C2 GOL E . -14.00 -15.08 -23.95
O2 GOL E . -13.13 -14.94 -25.07
C3 GOL E . -14.77 -13.80 -23.75
O3 GOL E . -13.94 -12.65 -23.80
C1 GOL F . -17.64 -13.44 -6.04
O1 GOL F . -17.66 -14.59 -6.89
C2 GOL F . -16.97 -13.73 -4.71
O2 GOL F . -17.67 -14.78 -4.04
C3 GOL F . -16.89 -12.52 -3.81
O3 GOL F . -16.64 -11.33 -4.54
C1 GOL G . 10.22 -18.52 -25.06
O1 GOL G . 9.60 -19.42 -25.97
C2 GOL G . 11.57 -19.03 -24.59
O2 GOL G . 12.27 -17.97 -23.93
C3 GOL G . 11.47 -20.24 -23.69
O3 GOL G . 12.71 -20.51 -23.05
C1 GOL H . -0.59 -25.52 -13.63
O1 GOL H . 0.76 -25.82 -13.96
C2 GOL H . -0.81 -25.58 -12.13
O2 GOL H . -0.60 -24.29 -11.56
C3 GOL H . -2.19 -26.09 -11.74
O3 GOL H . -2.17 -26.81 -10.52
C1 GOL I . 30.94 -18.04 -5.72
O1 GOL I . 30.39 -18.10 -7.03
C2 GOL I . 31.22 -16.60 -5.31
O2 GOL I . 31.43 -15.80 -6.46
C3 GOL I . 32.39 -16.47 -4.36
O3 GOL I . 31.96 -16.13 -3.04
C1 GOL J . 22.96 -17.48 2.82
O1 GOL J . 22.76 -16.11 3.20
C2 GOL J . 22.86 -17.66 1.32
O2 GOL J . 24.15 -17.47 0.73
C3 GOL J . 22.30 -19.02 0.91
O3 GOL J . 22.08 -19.11 -0.49
N1 OJ5 K . -2.58 -17.42 -10.22
C2 OJ5 K . -1.43 -10.57 -10.03
N3 OJ5 K . -2.17 -14.03 -7.83
C4 OJ5 K . -2.62 -12.48 -10.89
C5 OJ5 K . -2.77 -13.95 -11.03
C6 OJ5 K . -3.01 -14.58 -12.22
CL OJ5 K . -4.15 -9.21 -12.61
C OJ5 K . -3.21 -10.26 -11.57
C15 OJ5 K . -3.43 -11.62 -11.62
C3 OJ5 K . -1.62 -11.94 -10.09
C1 OJ5 K . -2.23 -9.72 -10.76
C14 OJ5 K . -2.60 -15.01 -10.05
C7 OJ5 K . -2.70 -16.21 -10.75
N OJ5 K . -2.97 -15.94 -12.06
C9 OJ5 K . -2.37 -15.14 -8.65
N2 OJ5 K . -2.28 -16.35 -8.07
C8 OJ5 K . -2.38 -17.41 -8.90
C13 OJ5 K . -3.23 -13.03 -7.70
C12 OJ5 K . -2.69 -11.81 -7.02
O OJ5 K . -2.17 -12.11 -5.74
C11 OJ5 K . -1.12 -13.05 -5.87
C10 OJ5 K . -1.58 -14.32 -6.51
N1 OJ5 L . -3.21 1.08 20.49
C2 OJ5 L . -1.13 4.08 14.59
N3 OJ5 L . -2.97 0.68 16.33
C4 OJ5 L . -0.65 3.30 16.82
C5 OJ5 L . -1.10 2.75 18.12
C6 OJ5 L . -0.67 3.20 19.35
CL OJ5 L . 2.77 4.62 15.22
C OJ5 L . 1.10 4.13 15.41
C15 OJ5 L . 0.71 3.58 16.61
C3 OJ5 L . -1.55 3.56 15.80
C1 OJ5 L . 0.21 4.35 14.38
C14 OJ5 L . -2.16 1.77 18.42
C7 OJ5 L . -2.31 1.77 19.81
N OJ5 L . -1.39 2.63 20.35
C9 OJ5 L . -3.05 0.90 17.71
N2 OJ5 L . -4.00 0.19 18.37
C8 OJ5 L . -4.01 0.33 19.71
C13 OJ5 L . -1.69 0.54 15.61
C12 OJ5 L . -1.85 -0.41 14.46
O OJ5 L . -2.89 0.01 13.58
C11 OJ5 L . -4.13 0.05 14.28
C10 OJ5 L . -4.08 1.01 15.44
#